data_1ZWH
#
_entry.id   1ZWH
#
_cell.length_a   73.884
_cell.length_b   73.884
_cell.length_c   110.621
_cell.angle_alpha   90.00
_cell.angle_beta   90.00
_cell.angle_gamma   90.00
#
_symmetry.space_group_name_H-M   'P 43 2 2'
#
loop_
_entity.id
_entity.type
_entity.pdbx_description
1 polymer 'ATP-dependent molecular chaperone HSP82'
2 non-polymer '2-(3-AMINO-2,5,6-TRIMETHOXYPHENYL)ETHYL 5-CHLORO-2,4-DIHYDROXYBENZOATE'
3 water water
#
_entity_poly.entity_id   1
_entity_poly.type   'polypeptide(L)'
_entity_poly.pdbx_seq_one_letter_code
;MGSSHHHHHHSSGLVPRGSHMASETFEFQAEITQLMSLIINTVYSNKEIFLRELISNASDALDKIRYKSLSDPKQLETEP
DLFIRITPKPEQKVLEIRDSGIGMTKAELINNLGTIAKSGTKAFMEALSAGADVSMIGQFGVGFYSLFLVADRVQVISKS
NDDEQYIWESNAGGSFTVTLDEVNERIGRGTILRLFLKDDQLEYLEEKRIKEVIKRHSEFVAYPIQLVVTKEVEKEVPIP
;
_entity_poly.pdbx_strand_id   A
#
# COMPACT_ATOMS: atom_id res chain seq x y z
N ALA A 22 -6.58 -22.64 -2.10
CA ALA A 22 -7.90 -22.14 -1.60
C ALA A 22 -7.73 -20.82 -0.87
N SER A 23 -8.62 -19.87 -1.14
N SER A 23 -8.63 -19.87 -1.15
CA SER A 23 -8.57 -18.56 -0.50
CA SER A 23 -8.58 -18.56 -0.51
C SER A 23 -9.48 -18.55 0.72
C SER A 23 -9.49 -18.55 0.72
N GLU A 24 -9.15 -17.71 1.69
CA GLU A 24 -9.94 -17.56 2.91
C GLU A 24 -10.52 -16.17 2.91
N THR A 25 -11.78 -16.05 3.30
CA THR A 25 -12.46 -14.76 3.32
C THR A 25 -12.68 -14.27 4.74
N PHE A 26 -12.45 -12.98 4.95
CA PHE A 26 -12.63 -12.35 6.26
C PHE A 26 -13.45 -11.08 6.12
N GLU A 27 -14.10 -10.68 7.21
N GLU A 27 -14.11 -10.69 7.21
CA GLU A 27 -14.92 -9.47 7.20
CA GLU A 27 -14.91 -9.47 7.20
C GLU A 27 -14.14 -8.30 7.79
C GLU A 27 -14.12 -8.31 7.79
N PHE A 28 -14.24 -7.14 7.15
CA PHE A 28 -13.56 -5.95 7.63
C PHE A 28 -14.28 -5.42 8.85
N GLN A 29 -13.56 -4.69 9.69
N GLN A 29 -13.56 -4.71 9.71
CA GLN A 29 -14.15 -4.08 10.88
CA GLN A 29 -14.18 -4.11 10.86
C GLN A 29 -15.06 -3.02 10.25
C GLN A 29 -15.09 -3.08 10.22
N ALA A 30 -16.32 -2.95 10.70
CA ALA A 30 -17.29 -2.00 10.14
C ALA A 30 -16.80 -0.60 9.75
N GLU A 31 -16.07 0.05 10.65
CA GLU A 31 -15.59 1.41 10.37
C GLU A 31 -14.63 1.49 9.18
N ILE A 32 -13.86 0.43 8.95
CA ILE A 32 -12.91 0.43 7.84
C ILE A 32 -13.69 0.35 6.52
N THR A 33 -14.74 -0.47 6.51
CA THR A 33 -15.56 -0.60 5.33
C THR A 33 -16.17 0.76 5.01
N GLN A 34 -16.61 1.45 6.06
CA GLN A 34 -17.20 2.78 5.92
C GLN A 34 -16.18 3.74 5.33
N LEU A 35 -14.95 3.70 5.83
CA LEU A 35 -13.91 4.58 5.32
C LEU A 35 -13.60 4.31 3.85
N MET A 36 -13.48 3.04 3.48
CA MET A 36 -13.18 2.71 2.09
C MET A 36 -14.26 3.17 1.14
N SER A 37 -15.51 3.05 1.57
CA SER A 37 -16.63 3.47 0.75
C SER A 37 -16.55 4.96 0.49
N LEU A 38 -16.25 5.71 1.54
CA LEU A 38 -16.14 7.16 1.44
C LEU A 38 -15.00 7.57 0.51
N ILE A 39 -13.85 6.92 0.66
N ILE A 39 -13.85 6.92 0.67
CA ILE A 39 -12.68 7.24 -0.15
CA ILE A 39 -12.68 7.23 -0.15
C ILE A 39 -12.81 6.84 -1.62
C ILE A 39 -12.81 6.84 -1.62
N ILE A 40 -13.34 5.64 -1.88
CA ILE A 40 -13.47 5.20 -3.27
C ILE A 40 -14.50 6.02 -4.06
N ASN A 41 -15.45 6.62 -3.35
CA ASN A 41 -16.49 7.42 -4.01
C ASN A 41 -16.30 8.94 -3.96
N THR A 42 -15.39 9.42 -3.12
CA THR A 42 -15.18 10.86 -3.01
C THR A 42 -14.68 11.52 -4.29
N VAL A 43 -15.15 12.76 -4.52
CA VAL A 43 -14.74 13.50 -5.71
C VAL A 43 -13.60 14.47 -5.39
N TYR A 44 -12.93 14.20 -4.27
CA TYR A 44 -11.78 15.00 -3.83
C TYR A 44 -10.91 15.24 -5.06
N SER A 45 -10.42 16.47 -5.21
N SER A 45 -10.42 16.47 -5.21
CA SER A 45 -9.60 16.83 -6.38
CA SER A 45 -9.61 16.84 -6.36
C SER A 45 -8.14 16.40 -6.36
C SER A 45 -8.15 16.42 -6.37
N ASN A 46 -7.54 16.34 -5.19
CA ASN A 46 -6.13 15.98 -5.09
C ASN A 46 -5.84 14.50 -4.81
N LYS A 47 -6.24 13.65 -5.75
CA LYS A 47 -6.05 12.21 -5.59
C LYS A 47 -4.60 11.74 -5.55
N GLU A 48 -3.68 12.56 -6.08
CA GLU A 48 -2.28 12.20 -6.12
C GLU A 48 -1.65 11.97 -4.74
N ILE A 49 -2.33 12.40 -3.68
CA ILE A 49 -1.80 12.24 -2.33
C ILE A 49 -1.61 10.78 -1.93
N PHE A 50 -2.27 9.88 -2.64
CA PHE A 50 -2.15 8.46 -2.30
C PHE A 50 -0.69 8.00 -2.37
N LEU A 51 0.05 8.48 -3.36
CA LEU A 51 1.45 8.06 -3.52
C LEU A 51 2.31 8.46 -2.33
N ARG A 52 2.10 9.66 -1.82
CA ARG A 52 2.86 10.11 -0.66
C ARG A 52 2.59 9.19 0.52
N GLU A 53 1.32 8.83 0.71
CA GLU A 53 0.96 7.95 1.81
C GLU A 53 1.54 6.56 1.69
N LEU A 54 1.53 6.00 0.49
CA LEU A 54 2.06 4.65 0.31
C LEU A 54 3.59 4.63 0.40
N ILE A 55 4.24 5.71 -0.04
CA ILE A 55 5.69 5.77 0.06
C ILE A 55 6.08 5.91 1.54
N SER A 56 5.27 6.66 2.27
N SER A 56 5.28 6.66 2.28
CA SER A 56 5.53 6.85 3.69
CA SER A 56 5.55 6.84 3.70
C SER A 56 5.43 5.51 4.41
C SER A 56 5.44 5.50 4.42
N ASN A 57 4.41 4.73 4.08
CA ASN A 57 4.20 3.42 4.69
C ASN A 57 5.34 2.48 4.35
N ALA A 58 5.83 2.56 3.11
CA ALA A 58 6.93 1.72 2.65
C ALA A 58 8.18 2.07 3.45
N SER A 59 8.43 3.37 3.60
CA SER A 59 9.58 3.85 4.35
C SER A 59 9.52 3.34 5.80
N ASP A 60 8.33 3.41 6.41
CA ASP A 60 8.19 2.95 7.78
C ASP A 60 8.48 1.45 7.88
N ALA A 61 8.04 0.67 6.90
CA ALA A 61 8.27 -0.76 6.92
C ALA A 61 9.76 -1.07 6.82
N LEU A 62 10.46 -0.25 6.06
CA LEU A 62 11.90 -0.40 5.88
C LEU A 62 12.61 -0.02 7.17
N ASP A 63 12.12 1.01 7.86
CA ASP A 63 12.71 1.43 9.12
C ASP A 63 12.61 0.29 10.12
N LYS A 64 11.47 -0.40 10.11
N LYS A 64 11.48 -0.41 10.12
CA LYS A 64 11.22 -1.51 11.01
CA LYS A 64 11.28 -1.50 11.05
C LYS A 64 12.21 -2.66 10.84
C LYS A 64 12.23 -2.68 10.84
N ILE A 65 12.46 -3.08 9.59
CA ILE A 65 13.38 -4.18 9.36
C ILE A 65 14.81 -3.74 9.69
N ARG A 66 15.14 -2.49 9.41
CA ARG A 66 16.48 -1.98 9.73
C ARG A 66 16.69 -1.98 11.24
N TYR A 67 15.68 -1.51 11.97
CA TYR A 67 15.80 -1.47 13.42
C TYR A 67 15.88 -2.87 14.01
N LYS A 68 15.05 -3.77 13.51
CA LYS A 68 15.06 -5.14 13.99
C LYS A 68 16.42 -5.78 13.75
N SER A 69 17.04 -5.45 12.62
N SER A 69 17.03 -5.45 12.62
CA SER A 69 18.34 -6.01 12.27
CA SER A 69 18.33 -6.00 12.27
C SER A 69 19.47 -5.55 13.18
C SER A 69 19.48 -5.53 13.14
N LEU A 70 19.23 -4.51 13.96
CA LEU A 70 20.27 -4.00 14.87
C LEU A 70 20.71 -5.10 15.83
N SER A 71 19.78 -5.95 16.24
CA SER A 71 20.09 -7.04 17.16
C SER A 71 19.90 -8.42 16.54
N ASP A 72 19.51 -8.45 15.27
CA ASP A 72 19.30 -9.69 14.56
C ASP A 72 19.67 -9.42 13.10
N PRO A 73 20.99 -9.24 12.85
N PRO A 73 20.98 -9.24 12.83
CA PRO A 73 21.49 -8.95 11.50
CA PRO A 73 21.48 -8.95 11.48
C PRO A 73 21.03 -9.92 10.42
C PRO A 73 21.05 -9.94 10.40
N LYS A 74 20.85 -11.19 10.79
CA LYS A 74 20.42 -12.21 9.83
C LYS A 74 19.10 -11.88 9.15
N GLN A 75 18.28 -11.05 9.80
CA GLN A 75 16.99 -10.67 9.26
C GLN A 75 17.08 -9.98 7.89
N LEU A 76 18.20 -9.34 7.62
CA LEU A 76 18.36 -8.65 6.34
C LEU A 76 18.77 -9.56 5.19
N GLU A 77 19.33 -10.72 5.51
CA GLU A 77 19.80 -11.66 4.50
C GLU A 77 18.83 -12.10 3.42
N THR A 78 17.53 -12.10 3.75
CA THR A 78 16.52 -12.51 2.79
C THR A 78 16.39 -11.52 1.63
N GLU A 79 16.88 -10.30 1.86
CA GLU A 79 16.87 -9.24 0.86
C GLU A 79 17.74 -8.11 1.39
N PRO A 80 19.05 -8.17 1.14
CA PRO A 80 20.03 -7.18 1.59
C PRO A 80 19.80 -5.73 1.12
N ASP A 81 19.17 -5.56 -0.05
CA ASP A 81 18.94 -4.21 -0.56
C ASP A 81 17.66 -3.60 -0.01
N LEU A 82 17.78 -2.39 0.55
CA LEU A 82 16.64 -1.68 1.12
C LEU A 82 16.20 -0.63 0.11
N PHE A 83 15.00 -0.81 -0.43
CA PHE A 83 14.50 0.10 -1.45
C PHE A 83 12.99 0.20 -1.50
N ILE A 84 12.53 1.20 -2.24
CA ILE A 84 11.12 1.43 -2.51
C ILE A 84 11.14 1.43 -4.04
N ARG A 85 10.25 0.66 -4.66
CA ARG A 85 10.24 0.58 -6.12
C ARG A 85 8.83 0.75 -6.66
N ILE A 86 8.71 1.57 -7.70
N ILE A 86 8.69 1.56 -7.71
CA ILE A 86 7.42 1.83 -8.33
CA ILE A 86 7.39 1.81 -8.32
C ILE A 86 7.42 1.25 -9.75
C ILE A 86 7.40 1.26 -9.74
N THR A 87 6.47 0.36 -10.02
CA THR A 87 6.38 -0.27 -11.33
C THR A 87 5.04 -0.19 -12.04
N PRO A 88 4.95 0.64 -13.08
N PRO A 88 4.94 0.66 -13.07
CA PRO A 88 3.70 0.77 -13.83
CA PRO A 88 3.67 0.77 -13.79
C PRO A 88 3.54 -0.44 -14.76
C PRO A 88 3.53 -0.41 -14.76
N LYS A 89 2.32 -0.95 -14.86
CA LYS A 89 2.05 -2.09 -15.74
C LYS A 89 0.84 -1.68 -16.57
N PRO A 90 1.06 -0.83 -17.59
CA PRO A 90 0.07 -0.29 -18.52
C PRO A 90 -0.99 -1.24 -19.05
N GLU A 91 -0.55 -2.35 -19.65
CA GLU A 91 -1.48 -3.32 -20.21
C GLU A 91 -2.54 -3.77 -19.20
N GLN A 92 -2.11 -3.97 -17.96
CA GLN A 92 -3.01 -4.42 -16.90
C GLN A 92 -3.66 -3.26 -16.14
N LYS A 93 -3.28 -2.03 -16.48
CA LYS A 93 -3.81 -0.84 -15.80
C LYS A 93 -3.51 -1.01 -14.32
N VAL A 94 -2.27 -1.41 -14.04
CA VAL A 94 -1.82 -1.64 -12.67
C VAL A 94 -0.59 -0.81 -12.32
N LEU A 95 -0.52 -0.38 -11.07
CA LEU A 95 0.63 0.37 -10.57
C LEU A 95 1.06 -0.36 -9.30
N GLU A 96 2.33 -0.77 -9.25
CA GLU A 96 2.82 -1.49 -8.07
C GLU A 96 3.78 -0.63 -7.26
N ILE A 97 3.62 -0.65 -5.93
CA ILE A 97 4.52 0.07 -5.04
C ILE A 97 5.11 -1.02 -4.14
N ARG A 98 6.41 -1.26 -4.33
CA ARG A 98 7.11 -2.31 -3.58
C ARG A 98 8.16 -1.77 -2.62
N ASP A 99 8.37 -2.49 -1.52
CA ASP A 99 9.41 -2.13 -0.58
C ASP A 99 10.01 -3.41 -0.06
N SER A 100 11.25 -3.35 0.40
CA SER A 100 11.90 -4.53 0.96
C SER A 100 11.91 -4.38 2.48
N GLY A 101 10.78 -3.92 3.01
CA GLY A 101 10.63 -3.73 4.44
C GLY A 101 10.42 -5.01 5.23
N ILE A 102 9.88 -4.87 6.43
CA ILE A 102 9.65 -6.01 7.31
C ILE A 102 8.61 -7.02 6.81
N GLY A 103 7.70 -6.58 5.95
CA GLY A 103 6.69 -7.49 5.45
C GLY A 103 5.64 -7.83 6.48
N MET A 104 4.64 -8.60 6.06
CA MET A 104 3.56 -9.01 6.96
C MET A 104 3.23 -10.48 6.80
N THR A 105 3.12 -11.18 7.93
CA THR A 105 2.76 -12.60 7.93
C THR A 105 1.27 -12.67 7.62
N LYS A 106 0.75 -13.88 7.42
CA LYS A 106 -0.66 -14.05 7.15
C LYS A 106 -1.48 -13.42 8.28
N ALA A 107 -1.07 -13.67 9.52
CA ALA A 107 -1.77 -13.13 10.68
C ALA A 107 -1.74 -11.60 10.70
N GLU A 108 -0.61 -11.02 10.34
CA GLU A 108 -0.49 -9.57 10.34
C GLU A 108 -1.32 -8.93 9.23
N LEU A 109 -1.39 -9.58 8.07
CA LEU A 109 -2.20 -9.04 6.98
C LEU A 109 -3.66 -8.95 7.44
N ILE A 110 -4.14 -10.03 8.03
CA ILE A 110 -5.52 -10.11 8.52
C ILE A 110 -5.78 -9.05 9.59
N ASN A 111 -4.90 -8.98 10.58
CA ASN A 111 -5.03 -8.05 11.68
C ASN A 111 -4.81 -6.59 11.30
N ASN A 112 -3.64 -6.30 10.74
CA ASN A 112 -3.26 -4.94 10.35
C ASN A 112 -4.09 -4.26 9.29
N LEU A 113 -4.57 -5.00 8.31
CA LEU A 113 -5.33 -4.39 7.23
C LEU A 113 -6.85 -4.46 7.31
N GLY A 114 -7.41 -5.35 8.12
CA GLY A 114 -8.87 -5.39 8.13
C GLY A 114 -9.73 -5.79 9.32
N THR A 115 -9.36 -6.82 10.06
CA THR A 115 -10.18 -7.27 11.18
C THR A 115 -10.10 -6.46 12.47
N ILE A 116 -8.94 -5.90 12.77
CA ILE A 116 -8.79 -5.12 13.99
C ILE A 116 -9.14 -3.65 13.79
N ALA A 117 -9.99 -3.14 14.67
CA ALA A 117 -10.40 -1.74 14.60
C ALA A 117 -9.17 -0.84 14.73
N LYS A 118 -9.05 0.12 13.82
CA LYS A 118 -7.92 1.04 13.84
C LYS A 118 -8.32 2.32 14.58
N SER A 119 -7.46 2.74 15.49
CA SER A 119 -7.72 3.92 16.31
C SER A 119 -8.25 5.16 15.59
N GLY A 120 -7.59 5.58 14.53
CA GLY A 120 -8.01 6.79 13.83
C GLY A 120 -9.09 6.68 12.76
N THR A 121 -9.57 5.47 12.48
CA THR A 121 -10.58 5.27 11.45
C THR A 121 -11.82 6.17 11.62
N LYS A 122 -12.54 6.00 12.74
CA LYS A 122 -13.72 6.81 12.99
C LYS A 122 -13.35 8.28 13.18
N ALA A 123 -12.24 8.51 13.87
CA ALA A 123 -11.78 9.87 14.12
C ALA A 123 -11.53 10.63 12.83
N PHE A 124 -10.96 9.95 11.84
CA PHE A 124 -10.69 10.59 10.57
C PHE A 124 -11.98 10.93 9.83
N MET A 125 -12.94 10.01 9.83
CA MET A 125 -14.21 10.27 9.15
C MET A 125 -14.95 11.42 9.80
N GLU A 126 -14.80 11.55 11.11
CA GLU A 126 -15.45 12.63 11.83
C GLU A 126 -14.78 13.94 11.44
N ALA A 127 -13.46 13.90 11.28
CA ALA A 127 -12.73 15.10 10.88
C ALA A 127 -13.16 15.49 9.47
N LEU A 128 -13.33 14.51 8.60
CA LEU A 128 -13.76 14.79 7.23
C LEU A 128 -15.13 15.47 7.22
N SER A 129 -16.03 14.96 8.05
N SER A 129 -16.03 14.97 8.05
CA SER A 129 -17.38 15.52 8.13
CA SER A 129 -17.38 15.52 8.15
C SER A 129 -17.33 16.99 8.56
C SER A 129 -17.34 16.99 8.57
N ALA A 130 -16.32 17.34 9.36
CA ALA A 130 -16.16 18.71 9.84
C ALA A 130 -15.46 19.63 8.84
N GLY A 131 -14.85 19.03 7.82
CA GLY A 131 -14.18 19.84 6.81
C GLY A 131 -12.69 19.58 6.61
N ALA A 132 -12.13 18.65 7.37
CA ALA A 132 -10.71 18.35 7.25
C ALA A 132 -10.38 17.90 5.84
N ASP A 133 -9.18 18.23 5.36
CA ASP A 133 -8.78 17.84 4.04
C ASP A 133 -8.44 16.35 4.02
N VAL A 134 -8.83 15.66 2.95
CA VAL A 134 -8.56 14.23 2.85
C VAL A 134 -7.07 13.94 3.03
N SER A 135 -6.22 14.92 2.71
N SER A 135 -6.23 14.92 2.71
CA SER A 135 -4.78 14.74 2.82
CA SER A 135 -4.79 14.78 2.83
C SER A 135 -4.30 14.50 4.27
C SER A 135 -4.31 14.51 4.26
N MET A 136 -5.16 14.76 5.24
CA MET A 136 -4.80 14.53 6.65
C MET A 136 -4.84 13.05 7.03
N ILE A 137 -5.35 12.23 6.12
CA ILE A 137 -5.50 10.80 6.38
C ILE A 137 -4.29 10.12 7.04
N GLY A 138 -3.09 10.48 6.60
CA GLY A 138 -1.89 9.88 7.17
C GLY A 138 -1.69 10.19 8.65
N GLN A 139 -2.10 11.38 9.06
CA GLN A 139 -1.95 11.78 10.46
C GLN A 139 -2.90 11.02 11.38
N PHE A 140 -3.88 10.33 10.79
CA PHE A 140 -4.81 9.54 11.58
C PHE A 140 -4.41 8.07 11.54
N GLY A 141 -3.28 7.80 10.89
CA GLY A 141 -2.75 6.45 10.81
C GLY A 141 -3.45 5.48 9.88
N VAL A 142 -4.25 6.01 8.96
CA VAL A 142 -4.97 5.15 8.02
C VAL A 142 -4.71 5.53 6.57
N GLY A 143 -3.53 6.09 6.30
CA GLY A 143 -3.18 6.50 4.95
C GLY A 143 -3.22 5.41 3.89
N PHE A 144 -3.06 4.15 4.32
CA PHE A 144 -3.10 3.03 3.39
C PHE A 144 -4.35 3.08 2.53
N TYR A 145 -5.48 3.38 3.16
CA TYR A 145 -6.74 3.40 2.46
C TYR A 145 -6.90 4.51 1.42
N SER A 146 -5.95 5.44 1.38
CA SER A 146 -6.01 6.52 0.39
C SER A 146 -5.83 5.96 -1.02
N LEU A 147 -5.36 4.71 -1.11
CA LEU A 147 -5.16 4.09 -2.41
C LEU A 147 -6.47 4.00 -3.19
N PHE A 148 -7.59 3.98 -2.48
CA PHE A 148 -8.89 3.90 -3.16
C PHE A 148 -9.31 5.18 -3.86
N LEU A 149 -8.48 6.21 -3.77
CA LEU A 149 -8.76 7.46 -4.46
C LEU A 149 -8.48 7.23 -5.95
N VAL A 150 -7.52 6.36 -6.23
CA VAL A 150 -7.15 6.06 -7.61
C VAL A 150 -7.34 4.63 -8.09
N ALA A 151 -7.64 3.72 -7.17
CA ALA A 151 -7.83 2.32 -7.53
C ALA A 151 -9.13 1.76 -6.98
N ASP A 152 -9.73 0.82 -7.71
N ASP A 152 -9.72 0.81 -7.71
CA ASP A 152 -10.97 0.22 -7.23
CA ASP A 152 -10.97 0.18 -7.31
C ASP A 152 -10.72 -1.19 -6.71
C ASP A 152 -10.71 -1.19 -6.72
N ARG A 153 -9.46 -1.62 -6.76
CA ARG A 153 -9.08 -2.93 -6.27
C ARG A 153 -7.60 -2.95 -5.92
N VAL A 154 -7.22 -3.73 -4.91
CA VAL A 154 -5.83 -3.80 -4.51
C VAL A 154 -5.45 -5.17 -4.02
N GLN A 155 -4.24 -5.59 -4.34
CA GLN A 155 -3.71 -6.85 -3.87
C GLN A 155 -2.45 -6.46 -3.11
N VAL A 156 -2.38 -6.89 -1.84
CA VAL A 156 -1.20 -6.63 -1.04
C VAL A 156 -0.50 -7.98 -0.97
N ILE A 157 0.66 -8.06 -1.62
CA ILE A 157 1.46 -9.28 -1.67
C ILE A 157 2.60 -9.06 -0.68
N SER A 158 2.69 -9.91 0.33
CA SER A 158 3.73 -9.68 1.33
C SER A 158 4.48 -10.94 1.76
N LYS A 159 5.75 -10.74 2.09
CA LYS A 159 6.62 -11.82 2.55
C LYS A 159 7.39 -11.37 3.77
N SER A 160 7.02 -11.90 4.92
CA SER A 160 7.71 -11.60 6.17
C SER A 160 8.71 -12.73 6.35
N ASN A 161 9.83 -12.47 7.02
CA ASN A 161 10.79 -13.55 7.26
C ASN A 161 10.14 -14.65 8.08
N ASP A 162 9.06 -14.28 8.78
CA ASP A 162 8.36 -15.20 9.67
C ASP A 162 7.24 -16.04 9.06
N ASP A 163 7.01 -15.91 7.76
CA ASP A 163 5.92 -16.67 7.14
C ASP A 163 6.14 -16.83 5.65
N GLU A 164 5.22 -17.53 5.00
CA GLU A 164 5.28 -17.73 3.56
C GLU A 164 4.73 -16.48 2.90
N GLN A 165 4.81 -16.41 1.57
CA GLN A 165 4.30 -15.26 0.84
C GLN A 165 2.78 -15.39 0.69
N TYR A 166 2.06 -14.32 1.01
CA TYR A 166 0.59 -14.30 0.95
C TYR A 166 0.06 -13.12 0.16
N ILE A 167 -1.18 -13.26 -0.31
CA ILE A 167 -1.87 -12.22 -1.06
C ILE A 167 -3.14 -11.83 -0.33
N TRP A 168 -3.25 -10.55 0.03
CA TRP A 168 -4.43 -10.01 0.70
C TRP A 168 -5.12 -9.20 -0.41
N GLU A 169 -6.42 -9.41 -0.61
CA GLU A 169 -7.11 -8.68 -1.68
C GLU A 169 -8.41 -8.02 -1.25
N SER A 170 -8.62 -6.79 -1.70
CA SER A 170 -9.82 -6.02 -1.38
C SER A 170 -10.30 -5.17 -2.55
N ASN A 171 -11.63 -5.01 -2.64
CA ASN A 171 -12.24 -4.19 -3.67
C ASN A 171 -13.11 -3.12 -2.99
N ALA A 172 -12.69 -2.73 -1.79
CA ALA A 172 -13.39 -1.74 -0.98
C ALA A 172 -14.70 -2.25 -0.41
N GLY A 173 -14.99 -3.52 -0.66
CA GLY A 173 -16.20 -4.13 -0.14
C GLY A 173 -16.00 -4.53 1.31
N GLY A 174 -17.05 -5.05 1.94
CA GLY A 174 -16.98 -5.44 3.32
C GLY A 174 -16.14 -6.65 3.69
N SER A 175 -15.67 -7.39 2.68
N SER A 175 -15.67 -7.39 2.68
CA SER A 175 -14.85 -8.57 2.96
CA SER A 175 -14.85 -8.58 2.93
C SER A 175 -13.57 -8.57 2.13
C SER A 175 -13.57 -8.57 2.12
N PHE A 176 -12.56 -9.27 2.62
CA PHE A 176 -11.29 -9.36 1.93
C PHE A 176 -10.84 -10.82 1.96
N THR A 177 -9.91 -11.17 1.09
CA THR A 177 -9.43 -12.54 1.04
C THR A 177 -7.93 -12.58 1.29
N VAL A 178 -7.47 -13.72 1.78
CA VAL A 178 -6.05 -13.94 2.02
C VAL A 178 -5.77 -15.31 1.42
N THR A 179 -4.79 -15.35 0.52
CA THR A 179 -4.45 -16.57 -0.19
C THR A 179 -2.95 -16.84 -0.21
N LEU A 180 -2.55 -18.09 0.01
CA LEU A 180 -1.15 -18.46 -0.05
C LEU A 180 -0.73 -18.14 -1.48
N ASP A 181 0.39 -17.42 -1.64
CA ASP A 181 0.84 -16.99 -2.96
C ASP A 181 1.59 -18.02 -3.80
N GLU A 182 0.95 -18.48 -4.87
CA GLU A 182 1.57 -19.44 -5.78
C GLU A 182 1.45 -18.92 -7.21
N VAL A 183 1.27 -17.60 -7.35
CA VAL A 183 1.11 -17.00 -8.67
C VAL A 183 1.96 -15.77 -8.98
N ASN A 184 2.53 -15.12 -7.95
CA ASN A 184 3.33 -13.93 -8.18
C ASN A 184 4.84 -14.18 -8.03
N GLU A 185 5.63 -13.24 -8.52
CA GLU A 185 7.08 -13.36 -8.42
C GLU A 185 7.44 -13.45 -6.93
N ARG A 186 8.50 -14.18 -6.63
CA ARG A 186 8.93 -14.32 -5.24
C ARG A 186 9.57 -13.04 -4.77
N ILE A 187 9.16 -12.51 -3.64
N ILE A 187 9.18 -12.61 -3.58
CA ILE A 187 9.84 -11.32 -3.13
CA ILE A 187 9.70 -11.41 -2.94
C ILE A 187 10.67 -11.85 -1.96
C ILE A 187 10.69 -11.94 -1.90
N GLY A 188 11.92 -11.46 -1.91
CA GLY A 188 12.84 -11.92 -0.88
C GLY A 188 12.26 -11.64 0.48
N ARG A 189 11.82 -10.41 0.65
CA ARG A 189 11.21 -9.94 1.90
C ARG A 189 10.60 -8.60 1.55
N GLY A 190 9.43 -8.31 2.10
CA GLY A 190 8.83 -7.03 1.80
C GLY A 190 7.38 -7.09 1.41
N THR A 191 6.90 -6.02 0.78
CA THR A 191 5.51 -5.93 0.39
C THR A 191 5.31 -5.23 -0.93
N ILE A 192 4.34 -5.70 -1.69
CA ILE A 192 3.97 -5.08 -2.95
C ILE A 192 2.51 -4.67 -2.85
N LEU A 193 2.21 -3.40 -3.11
CA LEU A 193 0.84 -2.97 -3.15
C LEU A 193 0.57 -2.89 -4.64
N ARG A 194 -0.26 -3.79 -5.14
CA ARG A 194 -0.60 -3.82 -6.56
C ARG A 194 -1.96 -3.14 -6.69
N LEU A 195 -1.92 -1.93 -7.23
CA LEU A 195 -3.14 -1.14 -7.41
C LEU A 195 -3.74 -1.30 -8.80
N PHE A 196 -5.02 -1.65 -8.83
CA PHE A 196 -5.74 -1.78 -10.10
C PHE A 196 -6.42 -0.43 -10.26
N LEU A 197 -5.80 0.43 -11.05
CA LEU A 197 -6.27 1.79 -11.28
C LEU A 197 -7.65 1.93 -11.92
N LYS A 198 -8.36 2.98 -11.51
CA LYS A 198 -9.67 3.30 -12.06
C LYS A 198 -9.42 3.77 -13.48
N ASP A 199 -10.41 3.59 -14.36
CA ASP A 199 -10.24 3.97 -15.76
C ASP A 199 -9.87 5.43 -16.03
N ASP A 200 -10.26 6.33 -15.13
CA ASP A 200 -9.95 7.74 -15.32
C ASP A 200 -8.71 8.19 -14.55
N GLN A 201 -7.97 7.24 -13.97
CA GLN A 201 -6.77 7.57 -13.21
C GLN A 201 -5.53 6.93 -13.81
N LEU A 202 -5.58 6.63 -15.11
CA LEU A 202 -4.45 6.00 -15.77
C LEU A 202 -3.22 6.89 -15.95
N GLU A 203 -3.35 8.16 -15.56
CA GLU A 203 -2.22 9.08 -15.68
C GLU A 203 -1.09 8.62 -14.77
N TYR A 204 -1.44 7.86 -13.73
CA TYR A 204 -0.46 7.36 -12.78
C TYR A 204 0.36 6.19 -13.31
N LEU A 205 0.21 5.90 -14.60
CA LEU A 205 0.96 4.84 -15.25
C LEU A 205 2.09 5.50 -16.05
N GLU A 206 1.98 6.82 -16.21
CA GLU A 206 2.95 7.61 -16.96
C GLU A 206 4.17 8.04 -16.14
N GLU A 207 5.35 7.79 -16.69
CA GLU A 207 6.61 8.15 -16.03
C GLU A 207 6.71 9.61 -15.60
N LYS A 208 6.37 10.52 -16.50
CA LYS A 208 6.45 11.95 -16.20
C LYS A 208 5.57 12.32 -15.01
N ARG A 209 4.32 11.86 -15.05
CA ARG A 209 3.37 12.14 -13.98
C ARG A 209 3.83 11.55 -12.65
N ILE A 210 4.26 10.29 -12.66
CA ILE A 210 4.72 9.64 -11.45
C ILE A 210 5.90 10.40 -10.84
N LYS A 211 6.84 10.81 -11.68
CA LYS A 211 8.01 11.53 -11.22
C LYS A 211 7.68 12.85 -10.52
N GLU A 212 6.79 13.64 -11.11
CA GLU A 212 6.45 14.92 -10.49
C GLU A 212 5.73 14.76 -9.17
N VAL A 213 4.85 13.76 -9.07
CA VAL A 213 4.14 13.53 -7.83
C VAL A 213 5.12 13.13 -6.73
N ILE A 214 6.03 12.22 -7.05
CA ILE A 214 7.02 11.77 -6.08
C ILE A 214 7.91 12.91 -5.58
N LYS A 215 8.47 13.67 -6.51
CA LYS A 215 9.35 14.77 -6.15
C LYS A 215 8.68 15.86 -5.33
N ARG A 216 7.36 15.91 -5.36
CA ARG A 216 6.62 16.95 -4.65
C ARG A 216 6.37 16.72 -3.16
N HIS A 217 5.90 15.53 -2.79
CA HIS A 217 5.57 15.25 -1.40
C HIS A 217 6.53 14.33 -0.66
N SER A 218 7.63 13.94 -1.30
CA SER A 218 8.61 13.06 -0.68
C SER A 218 10.03 13.46 -1.02
N GLU A 219 10.58 14.39 -0.25
CA GLU A 219 11.96 14.88 -0.45
C GLU A 219 12.89 14.28 0.59
N PHE A 220 12.35 13.97 1.76
CA PHE A 220 13.14 13.42 2.84
C PHE A 220 12.93 11.94 3.09
N VAL A 221 13.01 11.15 2.03
CA VAL A 221 12.87 9.71 2.13
C VAL A 221 14.30 9.18 2.15
N ALA A 222 14.63 8.42 3.19
CA ALA A 222 15.98 7.88 3.36
C ALA A 222 16.37 6.75 2.42
N TYR A 223 15.38 6.15 1.77
CA TYR A 223 15.64 5.03 0.88
C TYR A 223 15.50 5.43 -0.58
N PRO A 224 16.25 4.74 -1.46
CA PRO A 224 16.14 5.08 -2.88
C PRO A 224 14.76 4.73 -3.40
N ILE A 225 14.18 5.63 -4.19
CA ILE A 225 12.88 5.40 -4.78
C ILE A 225 13.13 5.11 -6.25
N GLN A 226 12.98 3.83 -6.62
CA GLN A 226 13.24 3.39 -7.99
C GLN A 226 12.00 3.31 -8.85
N LEU A 227 12.08 3.89 -10.04
CA LEU A 227 10.96 3.85 -10.97
C LEU A 227 11.37 2.91 -12.10
N VAL A 228 10.54 1.90 -12.34
CA VAL A 228 10.81 0.92 -13.39
C VAL A 228 10.10 1.37 -14.66
N VAL A 229 10.87 1.75 -15.65
CA VAL A 229 10.34 2.24 -16.91
C VAL A 229 10.59 1.26 -18.04
N THR A 230 9.56 1.00 -18.84
CA THR A 230 9.68 0.09 -19.97
C THR A 230 9.70 0.92 -21.24
N LYS A 231 10.88 0.97 -21.88
CA LYS A 231 11.03 1.75 -23.11
C LYS A 231 11.38 0.88 -24.31
N GLU A 232 10.81 1.23 -25.47
CA GLU A 232 11.06 0.47 -26.69
C GLU A 232 12.40 0.90 -27.26
N VAL A 233 13.26 -0.08 -27.55
CA VAL A 233 14.57 0.20 -28.11
C VAL A 233 14.45 0.73 -29.53
N GLU A 234 14.95 1.94 -29.74
CA GLU A 234 14.90 2.58 -31.06
C GLU A 234 15.40 1.64 -32.14
#